data_9FN2
#
_entry.id   9FN2
#
_cell.length_a   75.444
_cell.length_b   75.444
_cell.length_c   73.150
_cell.angle_alpha   90.000
_cell.angle_beta   90.000
_cell.angle_gamma   90.000
#
_symmetry.space_group_name_H-M   'P 42'
#
loop_
_entity.id
_entity.type
_entity.pdbx_description
1 polymer SAMURI-SAM
2 non-polymer 'MAGNESIUM ION'
3 non-polymer S-ADENOSYL-L-HOMOCYSTEINE
4 water water
#
_entity_poly.entity_id   1
_entity_poly.type   'polyribonucleotide'
_entity_poly.pdbx_seq_one_letter_code
;(GDP)GAGUCAUGGCUCAGGGCUGUUCGCAGCCGCUGCAGUCAGUCGAAAGACUG(A1IEA)GACUCC
;
_entity_poly.pdbx_strand_id   A,B
#
loop_
_chem_comp.id
_chem_comp.type
_chem_comp.name
_chem_comp.formula
A RNA linking ADENOSINE-5'-MONOPHOSPHATE 'C10 H14 N5 O7 P'
A1IEA RNA linking 'N3-methyl adenosine-5'-monophosphate' 'C11 H17 N5 O7 P 1'
C RNA linking CYTIDINE-5'-MONOPHOSPHATE 'C9 H14 N3 O8 P'
G RNA linking GUANOSINE-5'-MONOPHOSPHATE 'C10 H14 N5 O8 P'
GDP RNA linking GUANOSINE-5'-DIPHOSPHATE 'C10 H15 N5 O11 P2'
MG non-polymer 'MAGNESIUM ION' 'Mg 2'
SAH non-polymer S-ADENOSYL-L-HOMOCYSTEINE 'C14 H20 N6 O5 S'
U RNA linking URIDINE-5'-MONOPHOSPHATE 'C9 H13 N2 O9 P'
#
# COMPACT_ATOMS: atom_id res chain seq x y z
PB GDP A 1 -0.96 -8.72 -2.34
O1B GDP A 1 0.40 -9.10 -1.74
O2B GDP A 1 -0.85 -8.20 -3.75
O3B GDP A 1 -1.75 -7.80 -1.43
O3A GDP A 1 -1.81 -10.10 -2.42
PA GDP A 1 -1.59 -11.48 -3.20
O1A GDP A 1 -0.28 -12.04 -2.80
O2A GDP A 1 -1.88 -11.28 -4.65
O5' GDP A 1 -2.76 -12.33 -2.53
C5' GDP A 1 -2.63 -13.77 -2.59
C4' GDP A 1 -3.71 -14.40 -1.74
O4' GDP A 1 -4.02 -13.51 -0.64
C3' GDP A 1 -5.06 -14.63 -2.40
O3' GDP A 1 -5.05 -15.81 -3.19
C2' GDP A 1 -6.01 -14.72 -1.20
O2' GDP A 1 -6.25 -16.05 -0.79
C1' GDP A 1 -5.23 -14.01 -0.08
N9 GDP A 1 -5.95 -12.89 0.53
C8 GDP A 1 -5.52 -11.59 0.59
N7 GDP A 1 -6.35 -10.79 1.20
C5 GDP A 1 -7.41 -11.62 1.56
C6 GDP A 1 -8.61 -11.32 2.26
O6 GDP A 1 -8.99 -10.22 2.70
N1 GDP A 1 -9.40 -12.45 2.42
C2 GDP A 1 -9.08 -13.72 1.98
N2 GDP A 1 -9.97 -14.68 2.24
N3 GDP A 1 -7.96 -14.01 1.34
C4 GDP A 1 -7.18 -12.91 1.16
H5' GDP A 1 -2.73 -14.08 -3.52
H5'' GDP A 1 -1.73 -14.05 -2.26
H4' GDP A 1 -3.34 -15.25 -1.40
H3' GDP A 1 -5.30 -13.86 -2.98
H2' GDP A 1 -6.84 -14.23 -1.42
HO2' GDP A 1 -6.77 -16.04 -0.14
H1' GDP A 1 -5.01 -14.70 0.62
H8 GDP A 1 -4.70 -11.29 0.22
HN1 GDP A 1 -10.17 -12.35 2.85
HN21 GDP A 1 -10.72 -14.49 2.67
HN22 GDP A 1 -9.81 -15.50 1.97
C4 A1IEA A 52 2.77 5.80 -12.28
C5 A1IEA A 52 3.62 6.84 -12.56
C6 A1IEA A 52 3.78 7.27 -13.88
N1 A1IEA A 52 3.09 6.67 -14.84
C8 A1IEA A 52 3.69 6.49 -10.44
N3 A1IEA A 52 2.11 5.23 -13.32
C2 A1IEA A 52 2.28 5.67 -14.55
N6 A1IEA A 52 4.69 8.38 -14.19
C1' A1IEA A 52 2.11 4.61 -10.17
C1P A1IEA A 52 1.20 4.13 -13.11
C2' A1IEA A 52 2.47 4.55 -8.69
C3' A1IEA A 52 1.22 3.91 -8.10
C4' A1IEA A 52 0.11 4.50 -8.97
C5' A1IEA A 52 -0.62 5.67 -8.35
N7 A1IEA A 52 4.18 7.25 -11.41
N9 A1IEA A 52 2.84 5.61 -10.94
O2' A1IEA A 52 3.66 3.81 -8.47
O3' A1IEA A 52 1.27 2.49 -8.28
O4' A1IEA A 52 0.74 4.94 -10.20
O5' A1IEA A 52 -1.00 5.37 -7.01
OP2 A1IEA A 52 -0.13 7.55 -6.15
P A1IEA A 52 -1.23 6.53 -5.96
H8 A1IEA A 52 3.95 6.58 -9.40
H2 A1IEA A 52 1.73 5.20 -15.35
H61 A1IEA A 52 5.63 8.20 -14.49
H62 A1IEA A 52 4.37 9.33 -14.11
H1' A1IEA A 52 2.27 3.63 -10.61
H1P3 A1IEA A 52 1.73 3.30 -12.69
H1 A1IEA A 52 0.41 4.44 -12.44
H3 A1IEA A 52 0.76 3.85 -14.06
H2' A1IEA A 52 2.59 5.55 -8.30
H3' A1IEA A 52 1.09 4.18 -7.04
H4' A1IEA A 52 -0.61 3.71 -9.20
H5'' A1IEA A 52 -1.51 5.87 -8.93
H5' A1IEA A 52 0.03 6.53 -8.35
HO2' A1IEA A 52 4.07 4.10 -7.67
OP1 A1IEA A 52 -1.42 5.86 -4.61
PB GDP B 1 -4.94 -4.99 6.15
O1B GDP B 1 -4.58 -4.14 7.35
O2B GDP B 1 -3.75 -5.69 5.53
O3B GDP B 1 -5.77 -4.24 5.12
O3A GDP B 1 -5.90 -6.18 6.70
PA GDP B 1 -7.28 -6.17 7.52
O1A GDP B 1 -8.29 -5.40 6.75
O2A GDP B 1 -7.00 -5.77 8.93
O5' GDP B 1 -7.63 -7.72 7.47
C5' GDP B 1 -8.91 -8.11 8.01
C4' GDP B 1 -9.10 -9.59 7.82
O4' GDP B 1 -9.18 -9.91 6.40
C3' GDP B 1 -7.98 -10.49 8.34
O3' GDP B 1 -7.98 -10.62 9.75
C2' GDP B 1 -8.32 -11.77 7.58
O2' GDP B 1 -9.48 -12.40 8.06
C1' GDP B 1 -8.55 -11.18 6.20
N9 GDP B 1 -7.29 -10.96 5.49
C8 GDP B 1 -6.58 -9.79 5.34
N7 GDP B 1 -5.48 -9.93 4.66
C5 GDP B 1 -5.45 -11.29 4.33
C6 GDP B 1 -4.49 -12.03 3.60
O6 GDP B 1 -3.44 -11.62 3.08
N1 GDP B 1 -4.84 -13.37 3.52
C2 GDP B 1 -5.97 -13.94 4.05
N2 GDP B 1 -6.15 -15.25 3.86
N3 GDP B 1 -6.88 -13.25 4.74
C4 GDP B 1 -6.55 -11.93 4.84
H5' GDP B 1 -8.96 -7.88 8.97
H5'' GDP B 1 -9.64 -7.61 7.53
H4' GDP B 1 -9.96 -9.82 8.26
H3' GDP B 1 -7.08 -10.14 8.09
H2' GDP B 1 -7.56 -12.41 7.59
HO2' GDP B 1 -9.62 -13.10 7.61
H1' GDP B 1 -9.17 -11.77 5.65
H8 GDP B 1 -6.87 -8.97 5.70
HN1 GDP B 1 -4.28 -13.92 3.07
HN21 GDP B 1 -6.86 -15.65 4.18
HN22 GDP B 1 -5.55 -15.71 3.41
C4 A1IEA B 52 4.05 8.47 9.91
C5 A1IEA B 52 3.93 9.83 9.73
C6 A1IEA B 52 4.60 10.70 10.60
N1 A1IEA B 52 5.34 10.20 11.58
C8 A1IEA B 52 2.75 8.88 8.22
N3 A1IEA B 52 4.82 8.03 10.93
C2 A1IEA B 52 5.43 8.89 11.72
N6 A1IEA B 52 4.48 12.16 10.42
C1' A1IEA B 52 3.09 6.48 8.70
C1P A1IEA B 52 5.00 6.63 11.19
C2' A1IEA B 52 2.22 6.15 7.49
C3' A1IEA B 52 2.65 4.71 7.21
C4' A1IEA B 52 4.14 4.74 7.55
C5' A1IEA B 52 5.05 4.89 6.36
N7 A1IEA B 52 3.13 10.05 8.68
N9 A1IEA B 52 3.30 7.92 8.93
O2' A1IEA B 52 0.85 6.31 7.78
O3' A1IEA B 52 1.96 3.83 8.10
O4' A1IEA B 52 4.33 5.88 8.44
O5' A1IEA B 52 4.56 4.20 5.24
OP2 A1IEA B 52 4.46 6.29 3.85
P A1IEA B 52 4.70 4.79 3.77
H8 A1IEA B 52 2.09 8.73 7.37
H2 A1IEA B 52 6.05 8.49 12.54
H61 A1IEA B 52 3.78 12.67 10.93
H62 A1IEA B 52 5.10 12.64 9.80
H1' A1IEA B 52 2.64 6.05 9.59
H1P3 A1IEA B 52 5.53 6.50 12.12
H1 A1IEA B 52 5.57 6.19 10.38
H3 A1IEA B 52 4.03 6.15 11.25
H2' A1IEA B 52 2.49 6.78 6.66
H3' A1IEA B 52 2.48 4.44 6.16
H4' A1IEA B 52 4.39 3.83 8.09
H5'' A1IEA B 52 6.03 4.51 6.62
H5' A1IEA B 52 5.14 5.95 6.12
HO2' A1IEA B 52 0.36 6.39 6.96
OP1 A1IEA B 52 3.82 3.96 2.86
MG MG C . 3.91 -0.55 -8.61
MG MG D . 5.58 13.05 -13.03
MG MG E . -5.47 16.41 -17.99
N SAH F . -5.48 -2.98 -14.42
CA SAH F . -4.56 -1.85 -14.47
CB SAH F . -4.75 -0.98 -13.23
CG SAH F . -3.78 0.21 -13.12
SD SAH F . -4.09 1.17 -11.62
C SAH F . -3.12 -2.34 -14.57
O SAH F . -2.67 -3.14 -13.76
OXT SAH F . -2.38 -1.94 -15.47
C5' SAH F . -2.77 2.34 -12.04
C4' SAH F . -3.11 3.72 -11.53
O4' SAH F . -2.01 4.59 -11.67
C3' SAH F . -4.28 4.35 -12.28
O3' SAH F . -5.41 4.45 -11.44
C2' SAH F . -3.78 5.73 -12.67
O2' SAH F . -4.75 6.72 -12.33
C1' SAH F . -2.49 5.89 -11.88
N9 SAH F . -1.47 6.73 -12.55
C8 SAH F . -1.15 6.79 -13.88
N7 SAH F . -0.15 7.68 -14.04
C5 SAH F . 0.18 8.19 -12.82
C6 SAH F . 1.12 9.13 -12.42
N6 SAH F . 1.92 9.72 -13.31
N1 SAH F . 1.23 9.46 -11.08
C2 SAH F . 0.40 8.86 -10.16
N3 SAH F . -0.54 7.93 -10.57
C4 SAH F . -0.65 7.60 -11.88
HN1 SAH F . -5.11 -3.74 -14.57
HN2 SAH F . -6.29 -2.76 -14.25
HA SAH F . -4.75 -1.28 -15.25
HB1 SAH F . -4.62 -1.61 -12.34
HB2 SAH F . -5.77 -0.60 -13.22
HG1 SAH F . -3.91 0.85 -13.99
HG2 SAH F . -2.76 -0.16 -13.11
H5'1 SAH F . -2.65 2.37 -13.12
H5'2 SAH F . -1.84 2.00 -11.60
H4' SAH F . -3.38 3.59 -10.47
H3' SAH F . -4.57 3.77 -13.14
HO3' SAH F . -5.61 5.39 -11.27
H2' SAH F . -3.63 5.85 -13.74
HO2' SAH F . -4.37 7.33 -11.67
H1' SAH F . -2.72 6.43 -10.95
H8 SAH F . -1.62 6.21 -14.67
HN61 SAH F . 1.84 9.47 -14.29
HN62 SAH F . 2.61 10.40 -13.00
H2 SAH F . 0.48 9.12 -9.11
MG MG G . 20.69 -18.10 -29.55
MG MG H . 0.20 3.04 10.18
MG MG I . 5.12 14.84 6.99
N SAH J . 7.04 0.00 14.57
CA SAH J . 6.06 1.00 14.95
CB SAH J . 6.00 2.10 13.90
CG SAH J . 5.56 1.62 12.53
SD SAH J . 5.70 2.92 11.28
C SAH J . 4.67 0.38 15.13
O SAH J . 4.30 -0.56 14.45
OXT SAH J . 3.88 0.83 15.97
C5' SAH J . 7.50 2.72 11.15
C4' SAH J . 8.01 3.22 9.81
O4' SAH J . 7.48 4.51 9.56
C3' SAH J . 9.52 3.35 9.77
O3' SAH J . 10.07 2.43 8.85
C2' SAH J . 9.80 4.77 9.36
O2' SAH J . 10.77 4.82 8.34
C1' SAH J . 8.45 5.29 8.89
N9 SAH J . 8.23 6.73 9.15
C8 SAH J . 8.60 7.47 10.24
N7 SAH J . 8.20 8.75 10.05
C5 SAH J . 7.57 8.82 8.85
C6 SAH J . 6.96 9.88 8.16
N6 SAH J . 6.93 11.10 8.68
N1 SAH J . 6.39 9.65 6.93
C2 SAH J . 6.41 8.38 6.39
N3 SAH J . 7.02 7.35 7.08
C4 SAH J . 7.58 7.56 8.28
HN1 SAH J . 7.72 0.31 14.15
HN2 SAH J . 6.83 -0.81 14.78
HA SAH J . 6.33 1.40 15.81
HB1 SAH J . 6.98 2.56 13.82
HB2 SAH J . 5.30 2.87 14.25
HG1 SAH J . 4.52 1.28 12.57
HG2 SAH J . 6.17 0.76 12.23
H5'1 SAH J . 7.76 1.66 11.27
H5'2 SAH J . 7.99 3.27 11.96
H4' SAH J . 7.68 2.50 9.05
H3' SAH J . 9.98 3.12 10.74
HO3' SAH J . 10.43 2.92 8.08
H2' SAH J . 10.21 5.38 10.16
HO2' SAH J . 10.38 5.19 7.52
H1' SAH J . 8.38 5.19 7.81
H8 SAH J . 9.14 7.09 11.11
HN61 SAH J . 7.35 11.29 9.58
HN62 SAH J . 6.49 11.86 8.17
H2 SAH J . 5.96 8.20 5.42
MG MG K . 16.84 27.35 1.08
#